data_8R58
#
_entry.id   8R58
#
_cell.length_a   82.309
_cell.length_b   88.256
_cell.length_c   39.210
_cell.angle_alpha   90.00
_cell.angle_beta   90.00
_cell.angle_gamma   90.00
#
_symmetry.space_group_name_H-M   'P 21 21 2'
#
loop_
_entity.id
_entity.type
_entity.pdbx_description
1 polymer 'Ribosomal protein S6 kinase alpha-3'
2 polymer 'Bcl-2-modifying factor'
3 non-polymer '2-(3,4-dihydroxyphenyl)-5,7-dihydroxy-4-oxo-4H-chromen-3-yl 6-deoxy-alpha-L-mannopyranoside'
4 non-polymer GLYCEROL
5 water water
#
loop_
_entity_poly.entity_id
_entity_poly.type
_entity_poly.pdbx_seq_one_letter_code
_entity_poly.pdbx_strand_id
1 'polypeptide(L)'
;GSASNPQTEEVSIKEIAITHHVKEGHEKADPSQFELLKVLGQGSFGKVFLVKKISGSDARQLYAMKVLKKATLKVRDRVR
TKMERDILVEVNHPFIVKLHYAFQTEGKLYLILDFLRGGDLFTRLSKEVMFTEEDVKFYLAELALALDHLHSLGIIYRDL
KPENILLDEEGHIKLTDFGLSKESIDHEKKAYSFCGTVEYMAPEVVNRRGHTQSADWWSFGVLMFEMLTGTLPFQGKDRK
ETMTMILKAKLGMPQFLSPEAQSLLRMLFKRNPANRLGAGPDGVEEIKRHSFFSTIDWNKLYRREIHPPFKPATGRP
;
A
2 'polypeptide(L)' MEPSQCVEELEDDVFQPED B
#
loop_
_chem_comp.id
_chem_comp.type
_chem_comp.name
_chem_comp.formula
GOL non-polymer GLYCEROL 'C3 H8 O3'
QCT non-polymer '2-(3,4-dihydroxyphenyl)-5,7-dihydroxy-4-oxo-4H-chromen-3-yl 6-deoxy-alpha-L-mannopyranoside' 'C21 H20 O11'
#
# COMPACT_ATOMS: atom_id res chain seq x y z
N GLU A 15 5.65 18.24 -5.43
CA GLU A 15 5.94 17.95 -4.03
C GLU A 15 5.35 16.62 -3.61
N ILE A 16 5.60 16.23 -2.37
CA ILE A 16 5.14 14.95 -1.82
C ILE A 16 3.96 15.22 -0.89
N ALA A 17 2.97 14.33 -0.93
CA ALA A 17 1.77 14.46 -0.10
C ALA A 17 1.69 13.24 0.80
N ILE A 18 1.87 13.45 2.10
CA ILE A 18 1.79 12.39 3.09
C ILE A 18 0.43 12.46 3.76
N THR A 19 -0.39 11.44 3.56
CA THR A 19 -1.65 11.28 4.28
C THR A 19 -1.43 10.39 5.48
N HIS A 20 -1.58 10.97 6.67
CA HIS A 20 -1.34 10.30 7.94
C HIS A 20 -2.67 9.81 8.49
N HIS A 21 -2.86 8.50 8.54
CA HIS A 21 -4.04 7.92 9.14
C HIS A 21 -3.75 7.75 10.63
N VAL A 22 -4.08 8.76 11.41
CA VAL A 22 -3.81 8.79 12.85
C VAL A 22 -4.87 7.99 13.58
N LYS A 23 -4.46 7.53 14.76
CA LYS A 23 -5.33 6.88 15.75
C LYS A 23 -6.33 7.91 16.27
N GLU A 24 -7.43 7.46 16.88
CA GLU A 24 -8.31 8.39 17.64
C GLU A 24 -7.68 8.61 19.02
N GLY A 25 -7.56 9.86 19.45
CA GLY A 25 -6.95 10.17 20.73
C GLY A 25 -5.44 10.30 20.71
N HIS A 26 -4.76 9.89 19.63
CA HIS A 26 -3.32 9.96 19.56
C HIS A 26 -2.87 11.42 19.42
N GLU A 27 -1.91 11.85 20.25
CA GLU A 27 -1.61 13.28 20.34
C GLU A 27 -0.43 13.66 19.43
N LYS A 28 -0.30 14.98 19.20
CA LYS A 28 0.80 15.47 18.37
C LYS A 28 2.13 15.36 19.11
N ALA A 29 3.21 15.44 18.35
CA ALA A 29 4.57 15.33 18.83
C ALA A 29 5.36 16.61 18.58
N ASP A 30 6.49 16.75 19.26
CA ASP A 30 7.37 17.95 19.09
C ASP A 30 8.81 17.51 18.85
N PRO A 31 9.64 18.30 18.13
CA PRO A 31 11.01 17.91 17.81
C PRO A 31 11.80 17.59 19.09
N SER A 32 11.57 18.37 20.15
CA SER A 32 12.34 18.22 21.40
C SER A 32 11.99 16.89 22.07
N GLN A 33 10.83 16.31 21.73
CA GLN A 33 10.31 15.13 22.45
C GLN A 33 11.10 13.89 22.04
N PHE A 34 11.95 14.02 21.02
CA PHE A 34 12.83 12.89 20.59
C PHE A 34 14.27 13.39 20.53
N GLU A 35 15.23 12.46 20.52
CA GLU A 35 16.67 12.80 20.56
C GLU A 35 17.44 11.88 19.61
N LEU A 36 18.38 12.45 18.85
CA LEU A 36 18.99 11.80 17.67
C LEU A 36 20.18 10.95 18.12
N LEU A 37 20.25 9.72 17.62
CA LEU A 37 21.31 8.75 18.03
C LEU A 37 22.23 8.48 16.84
N LYS A 38 21.65 8.28 15.65
CA LYS A 38 22.46 8.09 14.45
C LYS A 38 21.75 8.76 13.29
N VAL A 39 22.50 9.27 12.33
CA VAL A 39 21.89 9.78 11.07
C VAL A 39 22.54 8.91 10.01
N LEU A 40 21.76 8.23 9.20
CA LEU A 40 22.38 7.29 8.25
C LEU A 40 21.72 7.44 6.89
N GLY A 41 22.31 6.82 5.89
CA GLY A 41 21.73 6.84 4.58
C GLY A 41 21.18 5.46 4.29
N GLN A 42 19.86 5.35 4.25
CA GLN A 42 19.23 4.09 3.90
C GLN A 42 19.06 3.96 2.39
N GLY A 43 20.07 4.43 1.65
CA GLY A 43 19.97 4.49 0.20
C GLY A 43 18.82 5.34 -0.29
N SER A 44 17.83 4.70 -0.91
CA SER A 44 16.71 5.43 -1.50
C SER A 44 15.83 6.10 -0.45
N PHE A 45 15.96 5.72 0.83
CA PHE A 45 15.29 6.46 1.89
C PHE A 45 15.99 7.77 2.22
N GLY A 46 17.21 7.96 1.75
CA GLY A 46 17.88 9.21 1.97
C GLY A 46 18.41 9.37 3.38
N LYS A 47 18.59 10.62 3.78
CA LYS A 47 19.06 10.93 5.12
C LYS A 47 17.97 10.56 6.12
N VAL A 48 18.19 9.48 6.87
CA VAL A 48 17.27 9.02 7.91
C VAL A 48 17.92 9.30 9.26
N PHE A 49 17.20 10.02 10.12
CA PHE A 49 17.62 10.27 11.49
C PHE A 49 17.00 9.19 12.37
N LEU A 50 17.85 8.49 13.13
CA LEU A 50 17.37 7.49 14.08
C LEU A 50 17.22 8.15 15.44
N VAL A 51 16.02 8.08 16.02
CA VAL A 51 15.69 8.83 17.23
C VAL A 51 14.97 7.92 18.23
N LYS A 52 15.02 8.31 19.51
CA LYS A 52 14.39 7.57 20.60
C LYS A 52 13.56 8.53 21.43
N LYS A 53 12.35 8.12 21.78
CA LYS A 53 11.38 9.03 22.36
C LYS A 53 11.61 9.27 23.85
N ILE A 54 11.29 10.48 24.30
CA ILE A 54 11.47 10.84 25.69
C ILE A 54 10.17 10.71 26.49
N SER A 55 9.00 10.82 25.87
CA SER A 55 7.73 10.86 26.61
C SER A 55 6.70 9.89 26.04
N GLY A 56 5.59 9.73 26.75
CA GLY A 56 4.49 8.89 26.28
C GLY A 56 4.79 7.40 26.39
N SER A 57 3.82 6.60 25.91
CA SER A 57 3.99 5.15 25.88
C SER A 57 5.19 4.75 25.03
N ASP A 58 5.43 5.45 23.93
CA ASP A 58 6.54 5.16 23.04
C ASP A 58 7.89 5.59 23.60
N ALA A 59 7.93 6.30 24.73
CA ALA A 59 9.19 6.67 25.34
C ALA A 59 10.13 5.48 25.39
N ARG A 60 11.36 5.69 24.90
CA ARG A 60 12.45 4.73 24.81
C ARG A 60 12.38 3.87 23.54
N GLN A 61 11.56 4.27 22.56
CA GLN A 61 11.42 3.50 21.33
C GLN A 61 12.23 4.14 20.21
N LEU A 62 13.08 3.34 19.56
CA LEU A 62 13.77 3.81 18.37
C LEU A 62 12.78 4.02 17.24
N TYR A 63 12.94 5.13 16.51
CA TYR A 63 12.07 5.50 15.42
C TYR A 63 12.91 6.18 14.34
N ALA A 64 12.60 5.89 13.09
CA ALA A 64 13.19 6.66 12.00
C ALA A 64 12.53 8.02 11.91
N MET A 65 13.33 9.05 11.64
CA MET A 65 12.82 10.39 11.40
C MET A 65 13.26 10.84 10.02
N LYS A 66 12.29 11.30 9.24
CA LYS A 66 12.57 12.00 7.99
C LYS A 66 12.13 13.44 8.14
N VAL A 67 12.97 14.36 7.69
CA VAL A 67 12.68 15.79 7.73
C VAL A 67 12.58 16.26 6.29
N LEU A 68 11.36 16.47 5.82
CA LEU A 68 11.10 16.80 4.44
C LEU A 68 10.70 18.27 4.32
N LYS A 69 11.23 18.93 3.30
CA LYS A 69 11.03 20.37 3.15
C LYS A 69 9.83 20.71 2.27
N LYS A 70 9.55 19.92 1.24
CA LYS A 70 8.43 20.17 0.32
C LYS A 70 7.47 19.00 0.43
N ALA A 71 6.66 19.02 1.49
CA ALA A 71 5.68 17.97 1.69
C ALA A 71 4.49 18.53 2.45
N THR A 72 3.31 18.00 2.13
CA THR A 72 2.06 18.47 2.71
C THR A 72 1.46 17.34 3.52
N LEU A 73 1.14 17.62 4.79
CA LEU A 73 0.59 16.62 5.73
C LEU A 73 -0.93 16.73 5.75
N LYS A 74 -1.64 15.70 5.31
CA LYS A 74 -3.08 15.55 5.58
C LYS A 74 -3.24 14.50 6.67
N VAL A 75 -4.09 14.78 7.64
CA VAL A 75 -4.30 13.85 8.79
C VAL A 75 -5.74 13.34 8.75
N ARG A 76 -5.96 12.19 8.12
CA ARG A 76 -7.28 11.52 8.06
C ARG A 76 -7.40 10.56 9.23
N ASP A 77 -8.42 10.74 10.06
CA ASP A 77 -8.67 9.82 11.15
C ASP A 77 -9.25 8.52 10.60
N ARG A 78 -9.18 7.47 11.42
CA ARG A 78 -9.56 6.14 10.98
C ARG A 78 -11.05 5.91 11.20
N VAL A 79 -11.69 5.33 10.18
CA VAL A 79 -13.15 5.12 10.19
C VAL A 79 -13.58 4.39 11.45
N ARG A 80 -12.86 3.33 11.80
CA ARG A 80 -13.07 2.59 13.05
C ARG A 80 -14.52 2.20 13.29
N LEU A 88 -8.69 -1.89 23.08
CA LEU A 88 -7.81 -1.69 21.94
C LEU A 88 -6.44 -2.31 22.19
N VAL A 89 -5.82 -2.82 21.11
CA VAL A 89 -4.56 -3.54 21.18
C VAL A 89 -3.69 -3.13 20.00
N GLU A 90 -2.54 -2.51 20.30
CA GLU A 90 -1.57 -2.16 19.25
C GLU A 90 -0.65 -3.33 18.96
N VAL A 91 -0.28 -3.50 17.68
CA VAL A 91 0.46 -4.66 17.23
C VAL A 91 1.27 -4.29 16.01
N ASN A 92 2.44 -4.93 15.87
CA ASN A 92 3.32 -4.75 14.72
C ASN A 92 3.04 -5.85 13.71
N HIS A 93 2.42 -5.50 12.59
CA HIS A 93 2.14 -6.43 11.52
C HIS A 93 3.40 -6.66 10.69
N PRO A 94 3.70 -7.90 10.30
CA PRO A 94 4.95 -8.16 9.59
C PRO A 94 5.13 -7.39 8.29
N PHE A 95 4.05 -7.01 7.61
CA PHE A 95 4.14 -6.48 6.26
C PHE A 95 3.63 -5.04 6.18
N ILE A 96 3.82 -4.26 7.24
CA ILE A 96 3.38 -2.88 7.32
C ILE A 96 4.41 -2.08 8.10
N VAL A 97 4.81 -0.92 7.56
CA VAL A 97 5.52 0.10 8.30
C VAL A 97 4.55 1.25 8.55
N LYS A 98 4.71 1.90 9.69
CA LYS A 98 3.72 2.84 10.18
C LYS A 98 4.34 4.21 10.44
N LEU A 99 3.56 5.24 10.12
CA LEU A 99 3.87 6.60 10.52
C LEU A 99 3.24 6.82 11.89
N HIS A 100 4.08 7.01 12.91
CA HIS A 100 3.62 7.18 14.28
C HIS A 100 3.27 8.62 14.61
N TYR A 101 4.11 9.56 14.18
CA TYR A 101 3.92 10.98 14.43
C TYR A 101 4.26 11.75 13.17
N ALA A 102 3.66 12.92 13.00
CA ALA A 102 3.93 13.75 11.84
C ALA A 102 3.63 15.20 12.21
N PHE A 103 4.68 16.02 12.29
CA PHE A 103 4.56 17.40 12.72
C PHE A 103 5.27 18.32 11.73
N GLN A 104 4.61 19.45 11.41
CA GLN A 104 5.17 20.54 10.61
C GLN A 104 5.68 21.60 11.57
N THR A 105 7.00 21.75 11.65
CA THR A 105 7.65 22.71 12.52
C THR A 105 8.74 23.44 11.76
N GLU A 106 8.73 24.77 11.87
CA GLU A 106 9.76 25.62 11.25
C GLU A 106 9.86 25.38 9.74
N GLY A 107 8.70 25.25 9.09
CA GLY A 107 8.66 25.10 7.65
C GLY A 107 9.23 23.80 7.13
N LYS A 108 9.27 22.75 7.96
CA LYS A 108 9.78 21.45 7.57
C LYS A 108 8.82 20.39 8.08
N LEU A 109 8.61 19.34 7.28
CA LEU A 109 7.69 18.26 7.64
C LEU A 109 8.49 17.11 8.27
N TYR A 110 8.24 16.85 9.55
CA TYR A 110 8.92 15.81 10.30
C TYR A 110 8.04 14.57 10.34
N LEU A 111 8.59 13.44 9.91
CA LEU A 111 7.88 12.18 9.90
C LEU A 111 8.60 11.21 10.81
N ILE A 112 7.89 10.71 11.83
CA ILE A 112 8.47 9.70 12.76
C ILE A 112 7.88 8.35 12.37
N LEU A 113 8.69 7.47 11.78
CA LEU A 113 8.14 6.20 11.26
C LEU A 113 8.88 5.02 11.88
N ASP A 114 8.50 3.81 11.49
CA ASP A 114 9.21 2.60 11.96
C ASP A 114 10.57 2.54 11.27
N PHE A 115 11.63 2.23 12.03
CA PHE A 115 12.93 2.04 11.42
C PHE A 115 12.91 0.76 10.58
N LEU A 116 13.20 0.91 9.28
CA LEU A 116 13.19 -0.21 8.34
C LEU A 116 14.62 -0.43 7.86
N ARG A 117 15.42 -1.11 8.67
CA ARG A 117 16.83 -1.32 8.37
C ARG A 117 16.99 -2.09 7.06
N GLY A 118 17.86 -1.58 6.19
CA GLY A 118 18.09 -2.24 4.92
C GLY A 118 16.87 -2.24 4.02
N GLY A 119 15.96 -1.29 4.22
CA GLY A 119 14.79 -1.21 3.37
C GLY A 119 15.12 -0.77 1.96
N ASP A 120 14.19 -1.04 1.05
CA ASP A 120 14.33 -0.66 -0.34
C ASP A 120 12.95 -0.36 -0.88
N LEU A 121 12.89 0.12 -2.12
CA LEU A 121 11.62 0.42 -2.78
C LEU A 121 11.23 -0.76 -3.66
N PHE A 122 9.94 -1.13 -3.60
CA PHE A 122 9.45 -2.16 -4.51
C PHE A 122 9.56 -1.73 -5.96
N THR A 123 9.47 -0.41 -6.22
CA THR A 123 9.61 0.08 -7.58
C THR A 123 10.99 -0.18 -8.14
N ARG A 124 12.00 -0.25 -7.26
CA ARG A 124 13.35 -0.61 -7.69
C ARG A 124 13.38 -2.01 -8.27
N LEU A 125 12.91 -2.98 -7.48
CA LEU A 125 12.87 -4.37 -7.95
C LEU A 125 12.03 -4.50 -9.22
N SER A 126 10.93 -3.74 -9.30
CA SER A 126 10.03 -3.83 -10.46
CA SER A 126 10.04 -3.85 -10.45
C SER A 126 10.76 -3.45 -11.74
N LYS A 127 11.66 -2.47 -11.66
CA LYS A 127 12.38 -2.04 -12.85
C LYS A 127 13.53 -3.01 -13.18
N GLU A 128 14.24 -3.47 -12.15
CA GLU A 128 15.44 -4.26 -12.39
C GLU A 128 15.10 -5.68 -12.86
N VAL A 129 14.19 -6.36 -12.16
CA VAL A 129 13.87 -7.75 -12.45
C VAL A 129 12.38 -7.85 -12.77
N MET A 130 12.03 -8.89 -13.54
CA MET A 130 10.64 -9.25 -13.74
C MET A 130 10.25 -10.34 -12.74
N PHE A 131 8.97 -10.33 -12.38
CA PHE A 131 8.42 -11.28 -11.43
C PHE A 131 7.67 -12.39 -12.15
N THR A 132 7.88 -13.63 -11.72
CA THR A 132 6.97 -14.68 -12.15
C THR A 132 5.66 -14.51 -11.41
N GLU A 133 4.62 -15.19 -11.91
CA GLU A 133 3.36 -15.21 -11.19
C GLU A 133 3.56 -15.72 -9.77
N GLU A 134 4.54 -16.61 -9.60
CA GLU A 134 4.87 -17.14 -8.25
C GLU A 134 5.41 -15.98 -7.41
N ASP A 135 6.22 -15.11 -8.03
CA ASP A 135 6.73 -13.94 -7.31
C ASP A 135 5.59 -13.01 -6.94
N VAL A 136 4.67 -12.76 -7.88
CA VAL A 136 3.56 -11.86 -7.62
C VAL A 136 2.67 -12.38 -6.51
N LYS A 137 2.41 -13.70 -6.51
CA LYS A 137 1.66 -14.33 -5.42
C LYS A 137 2.23 -13.94 -4.06
N PHE A 138 3.54 -14.09 -3.90
CA PHE A 138 4.16 -13.81 -2.62
C PHE A 138 3.90 -12.37 -2.19
N TYR A 139 4.29 -11.42 -3.04
CA TYR A 139 4.19 -10.01 -2.65
C TYR A 139 2.74 -9.59 -2.52
N LEU A 140 1.88 -10.02 -3.44
CA LEU A 140 0.46 -9.67 -3.33
C LEU A 140 -0.20 -10.33 -2.11
N ALA A 141 0.18 -11.57 -1.80
CA ALA A 141 -0.33 -12.21 -0.60
C ALA A 141 0.03 -11.42 0.65
N GLU A 142 1.29 -11.00 0.76
CA GLU A 142 1.69 -10.18 1.91
C GLU A 142 1.00 -8.83 1.88
N LEU A 143 0.84 -8.25 0.70
CA LEU A 143 0.17 -6.95 0.62
C LEU A 143 -1.29 -7.06 1.03
N ALA A 144 -1.94 -8.18 0.70
CA ALA A 144 -3.33 -8.35 1.07
C ALA A 144 -3.50 -8.49 2.58
N LEU A 145 -2.60 -9.24 3.23
CA LEU A 145 -2.61 -9.29 4.69
C LEU A 145 -2.43 -7.91 5.28
N ALA A 146 -1.49 -7.14 4.73
CA ALA A 146 -1.23 -5.78 5.21
C ALA A 146 -2.44 -4.89 4.99
N LEU A 147 -3.03 -4.94 3.78
CA LEU A 147 -4.16 -4.08 3.49
C LEU A 147 -5.34 -4.41 4.39
N ASP A 148 -5.58 -5.69 4.64
CA ASP A 148 -6.70 -6.04 5.52
C ASP A 148 -6.42 -5.63 6.95
N HIS A 149 -5.16 -5.71 7.39
CA HIS A 149 -4.83 -5.23 8.72
C HIS A 149 -5.17 -3.75 8.85
N LEU A 150 -4.80 -2.95 7.86
CA LEU A 150 -5.11 -1.52 7.88
C LEU A 150 -6.60 -1.27 7.80
N HIS A 151 -7.31 -2.02 6.94
CA HIS A 151 -8.77 -1.93 6.92
C HIS A 151 -9.35 -2.26 8.28
N SER A 152 -8.81 -3.29 8.94
CA SER A 152 -9.26 -3.63 10.29
C SER A 152 -8.92 -2.52 11.28
N LEU A 153 -7.92 -1.70 10.97
CA LEU A 153 -7.57 -0.56 11.82
C LEU A 153 -8.38 0.68 11.51
N GLY A 154 -9.25 0.64 10.50
CA GLY A 154 -10.06 1.79 10.12
C GLY A 154 -9.50 2.65 9.02
N ILE A 155 -8.55 2.15 8.24
CA ILE A 155 -7.85 2.93 7.24
C ILE A 155 -8.31 2.47 5.87
N ILE A 156 -8.83 3.40 5.07
CA ILE A 156 -9.13 3.14 3.66
C ILE A 156 -8.10 3.89 2.83
N TYR A 157 -7.45 3.18 1.91
CA TYR A 157 -6.28 3.73 1.23
C TYR A 157 -6.65 4.67 0.08
N ARG A 158 -7.71 4.34 -0.67
CA ARG A 158 -8.16 5.07 -1.86
C ARG A 158 -7.16 5.06 -2.99
N ASP A 159 -5.87 5.25 -2.71
CA ASP A 159 -4.88 5.36 -3.77
C ASP A 159 -3.67 4.48 -3.52
N LEU A 160 -3.87 3.27 -2.99
CA LEU A 160 -2.81 2.28 -2.86
C LEU A 160 -2.04 2.16 -4.17
N LYS A 161 -0.72 2.26 -4.10
CA LYS A 161 0.10 2.35 -5.30
C LYS A 161 1.47 1.77 -5.00
N PRO A 162 2.20 1.32 -6.02
CA PRO A 162 3.53 0.70 -5.75
C PRO A 162 4.44 1.61 -4.96
N GLU A 163 4.24 2.93 -5.05
CA GLU A 163 5.03 3.87 -4.25
C GLU A 163 4.75 3.71 -2.76
N ASN A 164 3.61 3.13 -2.39
CA ASN A 164 3.29 2.85 -1.01
C ASN A 164 3.80 1.49 -0.54
N ILE A 165 4.63 0.84 -1.33
CA ILE A 165 5.08 -0.53 -1.06
C ILE A 165 6.59 -0.53 -0.90
N LEU A 166 7.07 -0.91 0.28
CA LEU A 166 8.49 -1.03 0.55
C LEU A 166 8.86 -2.49 0.78
N LEU A 167 10.16 -2.72 0.93
CA LEU A 167 10.71 -4.05 1.18
C LEU A 167 11.72 -3.96 2.31
N ASP A 168 11.68 -4.94 3.21
CA ASP A 168 12.59 -4.92 4.35
C ASP A 168 13.91 -5.60 3.98
N GLU A 169 14.79 -5.73 4.97
CA GLU A 169 16.12 -6.28 4.71
C GLU A 169 16.09 -7.73 4.29
N GLU A 170 15.03 -8.47 4.63
CA GLU A 170 14.92 -9.87 4.26
CA GLU A 170 14.90 -9.88 4.27
C GLU A 170 14.10 -10.10 2.99
N GLY A 171 13.51 -9.05 2.42
CA GLY A 171 12.76 -9.17 1.19
C GLY A 171 11.26 -9.21 1.34
N HIS A 172 10.73 -9.05 2.54
CA HIS A 172 9.29 -9.09 2.76
C HIS A 172 8.68 -7.71 2.50
N ILE A 173 7.42 -7.73 2.05
CA ILE A 173 6.70 -6.50 1.77
C ILE A 173 6.53 -5.70 3.05
N LYS A 174 6.70 -4.39 2.95
CA LYS A 174 6.37 -3.47 4.04
C LYS A 174 5.47 -2.41 3.42
N LEU A 175 4.19 -2.47 3.73
CA LEU A 175 3.25 -1.50 3.22
C LEU A 175 3.25 -0.29 4.14
N THR A 176 3.33 0.91 3.56
CA THR A 176 3.17 2.11 4.36
C THR A 176 1.73 2.23 4.81
N ASP A 177 1.53 2.53 6.10
CA ASP A 177 0.21 2.83 6.62
C ASP A 177 -0.19 4.27 6.37
N PHE A 178 0.64 5.02 5.64
CA PHE A 178 0.40 6.41 5.32
C PHE A 178 0.28 6.57 3.81
N GLY A 179 -0.42 7.63 3.40
CA GLY A 179 -0.52 7.92 1.98
C GLY A 179 0.71 8.65 1.48
N LEU A 180 1.09 8.36 0.24
CA LEU A 180 2.19 9.06 -0.42
C LEU A 180 1.76 9.36 -1.85
N SER A 181 1.67 10.63 -2.19
CA SER A 181 1.25 11.05 -3.52
C SER A 181 2.06 12.28 -3.94
N LYS A 182 2.28 12.38 -5.24
CA LYS A 182 3.00 13.53 -5.79
C LYS A 182 2.03 14.50 -6.46
N PHE A 194 -8.11 16.04 -2.91
CA PHE A 194 -7.47 14.79 -2.52
C PHE A 194 -6.51 14.35 -3.59
N CYS A 195 -5.27 14.84 -3.48
CA CYS A 195 -4.22 14.45 -4.41
C CYS A 195 -3.92 12.96 -4.25
N GLY A 196 -4.29 12.17 -5.26
CA GLY A 196 -3.85 10.79 -5.34
C GLY A 196 -3.52 10.45 -6.78
N THR A 197 -3.08 9.20 -6.97
CA THR A 197 -2.74 8.72 -8.31
C THR A 197 -3.98 8.07 -8.90
N VAL A 198 -4.55 8.71 -9.93
CA VAL A 198 -5.82 8.28 -10.49
C VAL A 198 -5.73 6.85 -11.03
N GLU A 199 -4.57 6.46 -11.56
CA GLU A 199 -4.44 5.16 -12.22
C GLU A 199 -4.75 4.00 -11.29
N TYR A 200 -4.63 4.19 -9.98
CA TYR A 200 -4.86 3.13 -9.01
C TYR A 200 -6.18 3.32 -8.26
N MET A 201 -7.01 4.27 -8.66
CA MET A 201 -8.25 4.55 -7.96
C MET A 201 -9.41 3.79 -8.59
N ALA A 202 -10.25 3.20 -7.75
CA ALA A 202 -11.43 2.49 -8.22
C ALA A 202 -12.46 3.46 -8.79
N PRO A 203 -13.42 2.97 -9.58
CA PRO A 203 -14.43 3.88 -10.15
C PRO A 203 -15.15 4.72 -9.12
N GLU A 204 -15.51 4.14 -7.97
CA GLU A 204 -16.33 4.87 -7.01
C GLU A 204 -15.55 6.01 -6.37
N VAL A 205 -14.23 5.89 -6.28
CA VAL A 205 -13.39 6.98 -5.82
C VAL A 205 -13.29 8.05 -6.88
N VAL A 206 -12.99 7.63 -8.13
CA VAL A 206 -12.91 8.53 -9.27
C VAL A 206 -14.20 9.33 -9.42
N ASN A 207 -15.35 8.69 -9.21
CA ASN A 207 -16.64 9.35 -9.35
C ASN A 207 -16.86 10.44 -8.31
N ARG A 208 -16.12 10.41 -7.20
CA ARG A 208 -16.35 11.30 -6.08
C ARG A 208 -17.81 11.25 -5.63
N ARG A 209 -18.38 10.05 -5.67
CA ARG A 209 -19.74 9.78 -5.23
C ARG A 209 -19.82 8.89 -3.99
N GLY A 210 -18.68 8.44 -3.45
CA GLY A 210 -18.69 7.56 -2.28
C GLY A 210 -17.84 6.32 -2.48
N HIS A 211 -17.21 5.86 -1.40
CA HIS A 211 -16.40 4.65 -1.48
C HIS A 211 -16.31 3.98 -0.11
N THR A 212 -15.90 2.72 -0.12
CA THR A 212 -15.62 1.94 1.09
C THR A 212 -14.26 1.26 0.95
N GLN A 213 -13.93 0.37 1.89
CA GLN A 213 -12.69 -0.39 1.83
CA GLN A 213 -12.68 -0.36 1.82
C GLN A 213 -12.58 -1.20 0.54
N SER A 214 -13.73 -1.51 -0.08
CA SER A 214 -13.72 -2.28 -1.32
C SER A 214 -13.00 -1.54 -2.44
N ALA A 215 -12.92 -0.21 -2.36
CA ALA A 215 -12.18 0.54 -3.37
C ALA A 215 -10.70 0.17 -3.37
N ASP A 216 -10.17 -0.26 -2.23
CA ASP A 216 -8.76 -0.61 -2.17
C ASP A 216 -8.47 -1.94 -2.85
N TRP A 217 -9.44 -2.85 -2.89
CA TRP A 217 -9.19 -4.14 -3.53
C TRP A 217 -9.19 -4.05 -5.05
N TRP A 218 -9.85 -3.04 -5.61
CA TRP A 218 -9.66 -2.70 -7.02
C TRP A 218 -8.22 -2.30 -7.27
N SER A 219 -7.69 -1.40 -6.44
CA SER A 219 -6.31 -0.96 -6.60
C SER A 219 -5.34 -2.12 -6.48
N PHE A 220 -5.61 -3.04 -5.54
CA PHE A 220 -4.87 -4.30 -5.45
C PHE A 220 -4.82 -4.99 -6.81
N GLY A 221 -5.94 -5.02 -7.53
CA GLY A 221 -5.94 -5.59 -8.87
C GLY A 221 -5.11 -4.80 -9.85
N VAL A 222 -5.15 -3.45 -9.75
CA VAL A 222 -4.32 -2.62 -10.62
C VAL A 222 -2.85 -2.94 -10.40
N LEU A 223 -2.45 -3.03 -9.13
CA LEU A 223 -1.10 -3.47 -8.80
C LEU A 223 -0.79 -4.81 -9.44
N MET A 224 -1.69 -5.78 -9.29
CA MET A 224 -1.47 -7.11 -9.87
C MET A 224 -1.27 -7.03 -11.37
N PHE A 225 -2.14 -6.28 -12.07
CA PHE A 225 -1.97 -6.08 -13.49
C PHE A 225 -0.60 -5.52 -13.83
N GLU A 226 -0.18 -4.47 -13.11
CA GLU A 226 1.11 -3.84 -13.40
C GLU A 226 2.28 -4.76 -13.04
N MET A 227 2.18 -5.49 -11.92
CA MET A 227 3.24 -6.42 -11.55
C MET A 227 3.37 -7.53 -12.58
N LEU A 228 2.24 -8.12 -12.98
CA LEU A 228 2.23 -9.29 -13.86
C LEU A 228 2.40 -8.90 -15.33
N THR A 229 1.87 -7.74 -15.74
CA THR A 229 2.02 -7.28 -17.11
C THR A 229 3.07 -6.20 -17.30
N GLY A 230 3.52 -5.55 -16.23
CA GLY A 230 4.48 -4.48 -16.45
C GLY A 230 3.89 -3.19 -16.96
N THR A 231 2.57 -3.13 -17.14
CA THR A 231 1.92 -1.94 -17.65
C THR A 231 0.67 -1.65 -16.84
N LEU A 232 0.19 -0.43 -16.95
CA LEU A 232 -0.99 -0.13 -16.14
C LEU A 232 -2.26 -0.47 -16.90
N PRO A 233 -3.27 -1.00 -16.20
CA PRO A 233 -4.51 -1.34 -16.91
C PRO A 233 -5.22 -0.15 -17.50
N PHE A 234 -5.18 0.99 -16.80
CA PHE A 234 -5.85 2.21 -17.23
C PHE A 234 -4.83 3.34 -17.23
N GLN A 235 -4.57 3.90 -18.41
CA GLN A 235 -3.61 4.98 -18.55
C GLN A 235 -3.92 5.73 -19.83
N GLY A 236 -4.15 7.04 -19.70
CA GLY A 236 -4.30 7.92 -20.83
C GLY A 236 -3.23 8.99 -20.79
N LYS A 237 -3.22 9.82 -21.84
CA LYS A 237 -2.30 10.95 -21.84
C LYS A 237 -2.64 11.97 -20.77
N ASP A 238 -3.90 12.05 -20.33
CA ASP A 238 -4.25 13.00 -19.30
C ASP A 238 -5.13 12.30 -18.28
N ARG A 239 -5.35 12.99 -17.15
CA ARG A 239 -6.14 12.39 -16.07
C ARG A 239 -7.58 12.14 -16.48
N LYS A 240 -8.12 12.99 -17.36
CA LYS A 240 -9.50 12.78 -17.81
C LYS A 240 -9.62 11.51 -18.63
N GLU A 241 -8.67 11.28 -19.56
CA GLU A 241 -8.66 10.04 -20.32
C GLU A 241 -8.41 8.84 -19.42
N THR A 242 -7.48 8.95 -18.48
CA THR A 242 -7.25 7.86 -17.56
C THR A 242 -8.47 7.61 -16.69
N MET A 243 -9.12 8.69 -16.21
CA MET A 243 -10.35 8.55 -15.46
C MET A 243 -11.42 7.84 -16.30
N THR A 244 -11.60 8.28 -17.54
CA THR A 244 -12.60 7.68 -18.42
C THR A 244 -12.39 6.19 -18.58
N MET A 245 -11.13 5.77 -18.78
CA MET A 245 -10.84 4.35 -18.93
C MET A 245 -11.27 3.55 -17.70
N ILE A 246 -10.90 4.03 -16.51
CA ILE A 246 -11.36 3.41 -15.27
C ILE A 246 -12.87 3.22 -15.28
N LEU A 247 -13.59 4.24 -15.74
CA LEU A 247 -15.05 4.24 -15.62
C LEU A 247 -15.71 3.46 -16.74
N LYS A 248 -15.12 3.44 -17.94
CA LYS A 248 -15.81 2.95 -19.12
C LYS A 248 -15.05 1.91 -19.95
N ALA A 249 -13.75 1.72 -19.73
CA ALA A 249 -12.97 0.90 -20.65
C ALA A 249 -13.27 -0.59 -20.52
N LYS A 250 -13.21 -1.28 -21.65
CA LYS A 250 -13.32 -2.73 -21.71
C LYS A 250 -11.94 -3.27 -22.06
N LEU A 251 -11.40 -4.11 -21.20
CA LEU A 251 -9.99 -4.47 -21.28
C LEU A 251 -9.79 -5.86 -21.86
N GLY A 252 -8.76 -5.99 -22.69
CA GLY A 252 -8.37 -7.31 -23.15
C GLY A 252 -7.55 -8.01 -22.07
N MET A 253 -7.99 -9.20 -21.70
CA MET A 253 -7.26 -9.97 -20.70
C MET A 253 -5.93 -10.42 -21.26
N PRO A 254 -4.81 -9.98 -20.69
CA PRO A 254 -3.50 -10.56 -21.07
C PRO A 254 -3.55 -12.06 -20.93
N GLN A 255 -3.44 -12.75 -22.06
CA GLN A 255 -3.67 -14.18 -22.06
C GLN A 255 -2.45 -14.98 -21.64
N PHE A 256 -1.28 -14.33 -21.48
CA PHE A 256 -0.13 -15.02 -20.92
C PHE A 256 -0.25 -15.23 -19.41
N LEU A 257 -1.27 -14.64 -18.77
CA LEU A 257 -1.49 -14.85 -17.35
C LEU A 257 -2.15 -16.20 -17.11
N SER A 258 -1.87 -16.79 -15.95
CA SER A 258 -2.46 -18.07 -15.60
C SER A 258 -3.96 -17.91 -15.43
N PRO A 259 -4.72 -18.99 -15.62
CA PRO A 259 -6.17 -18.91 -15.44
C PRO A 259 -6.58 -18.37 -14.09
N GLU A 260 -5.84 -18.73 -13.03
CA GLU A 260 -6.14 -18.21 -11.71
C GLU A 260 -5.96 -16.70 -11.64
N ALA A 261 -4.86 -16.19 -12.18
CA ALA A 261 -4.64 -14.75 -12.19
C ALA A 261 -5.71 -14.04 -13.02
N GLN A 262 -6.06 -14.60 -14.17
CA GLN A 262 -7.12 -13.99 -14.97
C GLN A 262 -8.42 -13.90 -14.18
N SER A 263 -8.78 -14.97 -13.48
CA SER A 263 -10.03 -14.96 -12.72
C SER A 263 -9.99 -13.92 -11.61
N LEU A 264 -8.88 -13.85 -10.88
CA LEU A 264 -8.78 -12.89 -9.79
C LEU A 264 -8.87 -11.47 -10.31
N LEU A 265 -8.20 -11.17 -11.42
CA LEU A 265 -8.30 -9.84 -12.01
C LEU A 265 -9.72 -9.58 -12.48
N ARG A 266 -10.34 -10.56 -13.12
CA ARG A 266 -11.74 -10.41 -13.53
C ARG A 266 -12.65 -10.14 -12.33
N MET A 267 -12.39 -10.78 -11.19
CA MET A 267 -13.27 -10.63 -10.04
C MET A 267 -12.96 -9.38 -9.22
N LEU A 268 -11.70 -8.92 -9.23
CA LEU A 268 -11.35 -7.70 -8.53
C LEU A 268 -11.69 -6.47 -9.35
N PHE A 269 -11.58 -6.56 -10.68
CA PHE A 269 -11.86 -5.42 -11.55
C PHE A 269 -13.35 -5.38 -11.90
N LYS A 270 -14.17 -5.27 -10.87
CA LYS A 270 -15.60 -5.12 -11.04
C LYS A 270 -15.98 -3.70 -10.62
N ARG A 271 -16.72 -2.99 -11.49
CA ARG A 271 -16.99 -1.58 -11.24
C ARG A 271 -18.01 -1.39 -10.12
N ASN A 272 -19.01 -2.25 -10.04
CA ASN A 272 -19.91 -2.24 -8.91
C ASN A 272 -19.13 -2.78 -7.71
N PRO A 273 -18.89 -1.97 -6.68
CA PRO A 273 -18.18 -2.49 -5.51
C PRO A 273 -18.86 -3.69 -4.88
N ALA A 274 -20.20 -3.76 -4.93
CA ALA A 274 -20.90 -4.91 -4.38
C ALA A 274 -20.59 -6.20 -5.11
N ASN A 275 -20.13 -6.12 -6.36
CA ASN A 275 -19.77 -7.30 -7.14
C ASN A 275 -18.27 -7.60 -7.08
N ARG A 276 -17.52 -6.82 -6.31
CA ARG A 276 -16.07 -6.94 -6.25
C ARG A 276 -15.68 -7.97 -5.21
N LEU A 277 -14.66 -8.76 -5.51
CA LEU A 277 -14.11 -9.66 -4.51
C LEU A 277 -13.47 -8.84 -3.39
N GLY A 278 -13.81 -9.18 -2.15
CA GLY A 278 -13.29 -8.46 -1.01
C GLY A 278 -14.23 -7.43 -0.43
N ALA A 279 -15.41 -7.25 -1.02
CA ALA A 279 -16.40 -6.31 -0.52
C ALA A 279 -17.39 -6.93 0.45
N GLY A 280 -17.43 -8.26 0.56
CA GLY A 280 -18.30 -8.92 1.49
C GLY A 280 -17.76 -8.91 2.91
N PRO A 281 -18.54 -9.50 3.82
CA PRO A 281 -18.17 -9.46 5.25
C PRO A 281 -16.83 -10.10 5.57
N ASP A 282 -16.45 -11.15 4.85
CA ASP A 282 -15.19 -11.83 5.14
C ASP A 282 -13.98 -11.11 4.55
N GLY A 283 -14.20 -10.00 3.85
CA GLY A 283 -13.14 -9.15 3.33
C GLY A 283 -12.07 -9.90 2.58
N VAL A 284 -10.84 -9.87 3.10
CA VAL A 284 -9.70 -10.46 2.40
C VAL A 284 -9.82 -11.98 2.29
N GLU A 285 -10.63 -12.62 3.12
CA GLU A 285 -10.82 -14.06 2.99
C GLU A 285 -11.37 -14.43 1.62
N GLU A 286 -12.22 -13.56 1.04
CA GLU A 286 -12.71 -13.82 -0.30
C GLU A 286 -11.56 -13.84 -1.30
N ILE A 287 -10.53 -13.03 -1.05
CA ILE A 287 -9.38 -13.01 -1.94
C ILE A 287 -8.39 -14.12 -1.57
N LYS A 288 -8.21 -14.38 -0.27
CA LYS A 288 -7.25 -15.40 0.16
C LYS A 288 -7.66 -16.78 -0.32
N ARG A 289 -8.94 -16.98 -0.58
CA ARG A 289 -9.43 -18.27 -1.03
C ARG A 289 -9.32 -18.46 -2.54
N HIS A 290 -9.07 -17.39 -3.29
CA HIS A 290 -9.06 -17.51 -4.73
C HIS A 290 -7.98 -18.47 -5.19
N SER A 291 -8.23 -19.10 -6.34
CA SER A 291 -7.33 -20.13 -6.84
C SER A 291 -5.92 -19.60 -7.04
N PHE A 292 -5.76 -18.29 -7.25
CA PHE A 292 -4.43 -17.73 -7.50
C PHE A 292 -3.54 -17.86 -6.26
N PHE A 293 -4.12 -17.77 -5.07
CA PHE A 293 -3.36 -17.85 -3.83
C PHE A 293 -3.41 -19.24 -3.22
N SER A 294 -3.84 -20.24 -3.99
CA SER A 294 -4.05 -21.57 -3.44
C SER A 294 -2.76 -22.19 -2.89
N THR A 295 -1.60 -21.72 -3.36
CA THR A 295 -0.32 -22.27 -2.92
C THR A 295 0.20 -21.60 -1.66
N ILE A 296 -0.44 -20.53 -1.21
CA ILE A 296 0.03 -19.78 -0.06
C ILE A 296 -0.51 -20.41 1.22
N ASP A 297 0.39 -20.69 2.16
CA ASP A 297 0.00 -20.93 3.54
C ASP A 297 0.02 -19.57 4.21
N TRP A 298 -1.15 -18.94 4.31
CA TRP A 298 -1.27 -17.61 4.91
C TRP A 298 -0.78 -17.57 6.35
N ASN A 299 -0.89 -18.67 7.08
CA ASN A 299 -0.33 -18.70 8.43
C ASN A 299 1.20 -18.65 8.39
N LYS A 300 1.82 -19.50 7.58
CA LYS A 300 3.27 -19.43 7.41
C LYS A 300 3.72 -18.06 6.93
N LEU A 301 2.96 -17.46 6.01
CA LEU A 301 3.31 -16.15 5.48
C LEU A 301 3.37 -15.11 6.59
N TYR A 302 2.31 -15.02 7.41
CA TYR A 302 2.32 -14.09 8.53
C TYR A 302 3.49 -14.34 9.47
N ARG A 303 3.85 -15.60 9.68
CA ARG A 303 5.00 -15.91 10.51
C ARG A 303 6.33 -15.69 9.79
N ARG A 304 6.31 -15.13 8.58
CA ARG A 304 7.52 -14.83 7.81
C ARG A 304 8.35 -16.10 7.59
N GLU A 305 7.65 -17.23 7.47
CA GLU A 305 8.24 -18.55 7.25
C GLU A 305 8.26 -18.93 5.78
N ILE A 306 7.68 -18.12 4.92
CA ILE A 306 7.84 -18.27 3.48
C ILE A 306 8.91 -17.30 3.04
N HIS A 307 9.92 -17.81 2.36
CA HIS A 307 11.06 -16.95 2.06
C HIS A 307 10.80 -16.13 0.81
N PRO A 308 11.17 -14.85 0.84
CA PRO A 308 10.81 -13.96 -0.26
C PRO A 308 11.51 -14.37 -1.55
N PRO A 309 10.93 -14.05 -2.71
CA PRO A 309 11.55 -14.47 -3.97
C PRO A 309 12.92 -13.86 -4.22
N PHE A 310 13.13 -12.60 -3.83
CA PHE A 310 14.43 -11.95 -3.99
C PHE A 310 14.90 -11.47 -2.64
N LYS A 311 16.17 -11.71 -2.33
CA LYS A 311 16.72 -11.32 -1.06
C LYS A 311 17.56 -10.06 -1.22
N PRO A 312 17.26 -8.98 -0.48
CA PRO A 312 18.06 -7.76 -0.58
C PRO A 312 19.52 -7.98 -0.21
N ALA A 313 20.38 -7.05 -0.58
CA ALA A 313 21.80 -7.18 -0.28
C ALA A 313 22.04 -7.13 1.22
N THR A 314 22.97 -7.95 1.69
CA THR A 314 23.29 -8.01 3.12
C THR A 314 24.57 -8.80 3.34
N GLU B 8 -22.86 5.14 -10.81
CA GLU B 8 -22.22 4.05 -11.53
C GLU B 8 -22.85 3.90 -12.91
N GLU B 9 -23.86 3.04 -13.01
CA GLU B 9 -24.49 2.68 -14.28
C GLU B 9 -23.43 2.35 -15.32
N LEU B 10 -22.45 1.55 -14.91
CA LEU B 10 -21.26 1.28 -15.71
C LEU B 10 -21.03 -0.21 -15.82
N GLU B 11 -20.26 -0.60 -16.84
CA GLU B 11 -20.03 -2.02 -17.13
C GLU B 11 -19.20 -2.60 -16.00
N ASP B 12 -19.87 -3.34 -15.10
CA ASP B 12 -19.21 -3.92 -13.94
C ASP B 12 -17.99 -4.72 -14.35
N ASP B 13 -18.16 -5.69 -15.26
CA ASP B 13 -17.01 -6.36 -15.82
C ASP B 13 -16.18 -5.37 -16.61
N VAL B 14 -14.88 -5.34 -16.34
CA VAL B 14 -13.96 -4.48 -17.07
C VAL B 14 -13.23 -5.25 -18.16
N PHE B 15 -12.75 -6.44 -17.84
CA PHE B 15 -12.15 -7.29 -18.85
C PHE B 15 -13.21 -7.84 -19.79
N GLN B 16 -12.87 -7.89 -21.08
CA GLN B 16 -13.79 -8.40 -22.06
C GLN B 16 -14.06 -9.89 -21.84
N PRO B 17 -15.26 -10.37 -22.18
CA PRO B 17 -15.68 -11.77 -22.10
C PRO B 17 -14.62 -12.77 -22.52
O10 QCT C . 11.99 10.25 -0.92
C23 QCT C . 11.54 9.50 0.20
C22 QCT C . 12.69 9.32 1.17
O9 QCT C . 13.30 10.56 1.47
C24 QCT C . 10.37 10.20 0.85
O11 QCT C . 9.29 10.28 -0.07
C25 QCT C . 9.93 9.43 2.08
C26 QCT C . 8.81 10.09 2.84
O8 QCT C . 11.06 9.34 2.98
C21 QCT C . 12.19 8.67 2.45
O7 QCT C . 11.87 7.32 2.15
C3 QCT C . 11.30 6.53 3.13
C4 QCT C . 11.82 6.45 4.41
O2 QCT C . 12.84 7.10 4.73
C2 QCT C . 10.16 5.79 2.79
C11 QCT C . 9.50 5.75 1.49
C12 QCT C . 10.14 6.15 0.31
C13 QCT C . 9.50 6.07 -0.91
O5 QCT C . 10.12 6.47 -2.06
C14 QCT C . 8.19 5.57 -0.97
O6 QCT C . 7.56 5.50 -2.18
C15 QCT C . 7.55 5.16 0.17
C16 QCT C . 8.21 5.25 1.39
O1 QCT C . 9.57 5.00 3.72
C9 QCT C . 10.05 4.88 5.00
C8 QCT C . 9.34 4.04 5.83
C7 QCT C . 9.80 3.93 7.13
O4 QCT C . 9.13 3.10 7.99
C6 QCT C . 10.93 4.60 7.58
C5 QCT C . 11.61 5.44 6.72
C10 QCT C . 11.17 5.60 5.38
O3 QCT C . 12.71 6.13 7.13
C1 GOL D . -9.58 -10.97 9.32
O1 GOL D . -9.08 -10.04 10.22
C2 GOL D . -11.03 -10.57 9.02
O2 GOL D . -11.11 -9.29 8.48
C3 GOL D . -11.55 -11.65 8.06
O3 GOL D . -12.87 -11.32 7.77
#